data_4FW2
#
_entry.id   4FW2
#
_cell.length_a   176.400
_cell.length_b   56.168
_cell.length_c   65.276
_cell.angle_alpha   90.00
_cell.angle_beta   97.86
_cell.angle_gamma   90.00
#
_symmetry.space_group_name_H-M   'C 1 2 1'
#
loop_
_entity.id
_entity.type
_entity.pdbx_description
1 polymer Integrase
2 water water
#
_entity_poly.entity_id   1
_entity_poly.type   'polypeptide(L)'
_entity_poly.pdbx_seq_one_letter_code
;PLREAKDLHTALHIGPRALSKASNISMQQAREVVQTCPHCNSAPALEAGVNPRGLGPLQIWQTDFTLEPRMAPRSWLAVT
VDTASSAIVVTQHGRVTSVAVQHHWATAIAVLGRPKAIKTDNGSCFTSKSTREWLARWGIAHTTGIPGNSQGQAMVERAN
RLLKDKIRVLAEGDGFMKRIPTSKQGELLAKAMYALNHKERGENTKTPIQKHWRPTVLTEGPPVKIRIETGEWEKGWNVL
VWGRGYAAVKNRDTDKVIWVPSRKVKPDIT
;
_entity_poly.pdbx_strand_id   A,B
#
# COMPACT_ATOMS: atom_id res chain seq x y z
N PRO A 52 3.70 -19.73 -0.02
CA PRO A 52 4.09 -18.67 -0.96
C PRO A 52 3.84 -17.25 -0.40
N ARG A 53 3.51 -17.15 0.89
CA ARG A 53 3.09 -15.87 1.48
C ARG A 53 3.99 -15.38 2.63
N GLY A 54 4.13 -14.06 2.75
CA GLY A 54 4.81 -13.46 3.88
C GLY A 54 4.08 -13.51 5.22
N LEU A 55 4.83 -13.40 6.31
CA LEU A 55 4.23 -13.33 7.65
C LEU A 55 4.13 -11.86 8.10
N GLY A 56 4.89 -11.01 7.43
CA GLY A 56 4.86 -9.57 7.66
C GLY A 56 5.06 -8.85 6.35
N PRO A 57 4.76 -7.55 6.34
CA PRO A 57 4.82 -6.77 5.08
C PRO A 57 6.25 -6.66 4.60
N LEU A 58 6.42 -6.43 3.30
CA LEU A 58 7.74 -6.28 2.69
C LEU A 58 8.58 -7.58 2.63
N GLN A 59 8.00 -8.71 3.03
CA GLN A 59 8.66 -9.99 2.78
C GLN A 59 8.43 -10.47 1.34
N ILE A 60 7.18 -10.79 1.00
CA ILE A 60 6.87 -11.32 -0.33
C ILE A 60 5.73 -10.60 -1.05
N TRP A 61 6.06 -9.98 -2.18
CA TRP A 61 5.06 -9.37 -3.04
C TRP A 61 4.70 -10.31 -4.20
N GLN A 62 3.50 -10.15 -4.74
CA GLN A 62 3.14 -10.77 -6.02
C GLN A 62 2.73 -9.70 -7.03
N THR A 63 3.23 -9.86 -8.27
CA THR A 63 2.98 -8.87 -9.31
C THR A 63 2.36 -9.49 -10.58
N ASP A 64 1.56 -8.72 -11.31
CA ASP A 64 0.93 -9.23 -12.53
C ASP A 64 0.48 -8.07 -13.43
N PHE A 65 0.48 -8.27 -14.74
CA PHE A 65 -0.14 -7.30 -15.64
C PHE A 65 -1.56 -7.79 -15.98
N THR A 66 -2.54 -6.91 -15.88
CA THR A 66 -3.91 -7.28 -16.22
C THR A 66 -4.40 -6.31 -17.28
N LEU A 67 -5.29 -6.79 -18.15
CA LEU A 67 -5.86 -5.94 -19.19
C LEU A 67 -7.24 -5.40 -18.77
N GLU A 68 -7.38 -4.08 -18.73
CA GLU A 68 -8.66 -3.47 -18.39
C GLU A 68 -9.15 -2.58 -19.55
N PRO A 69 -10.01 -3.15 -20.40
CA PRO A 69 -10.50 -2.38 -21.55
C PRO A 69 -11.11 -1.01 -21.18
N ARG A 70 -11.65 -0.83 -19.97
CA ARG A 70 -12.26 0.45 -19.61
C ARG A 70 -11.23 1.57 -19.67
N MET A 71 -9.96 1.20 -19.57
CA MET A 71 -8.86 2.14 -19.49
C MET A 71 -8.08 2.25 -20.80
N ALA A 72 -8.62 1.67 -21.86
CA ALA A 72 -8.05 1.84 -23.19
C ALA A 72 -7.90 3.35 -23.50
N PRO A 73 -6.90 3.73 -24.32
CA PRO A 73 -5.93 2.89 -25.03
C PRO A 73 -4.79 2.31 -24.16
N ARG A 74 -4.34 3.05 -23.14
CA ARG A 74 -3.35 2.50 -22.21
C ARG A 74 -4.01 1.57 -21.18
N SER A 75 -4.42 0.38 -21.64
CA SER A 75 -5.26 -0.49 -20.84
C SER A 75 -4.52 -1.51 -19.99
N TRP A 76 -3.19 -1.47 -20.02
CA TRP A 76 -2.43 -2.40 -19.19
C TRP A 76 -2.26 -1.84 -17.80
N LEU A 77 -2.74 -2.57 -16.82
CA LEU A 77 -2.50 -2.23 -15.43
C LEU A 77 -1.47 -3.16 -14.81
N ALA A 78 -0.40 -2.59 -14.27
CA ALA A 78 0.49 -3.40 -13.43
C ALA A 78 -0.03 -3.36 -12.01
N VAL A 79 -0.24 -4.54 -11.45
CA VAL A 79 -0.80 -4.71 -10.12
C VAL A 79 0.19 -5.49 -9.23
N THR A 80 0.51 -4.90 -8.09
CA THR A 80 1.35 -5.57 -7.09
C THR A 80 0.60 -5.61 -5.76
N VAL A 81 0.63 -6.74 -5.08
CA VAL A 81 0.03 -6.85 -3.77
C VAL A 81 1.06 -7.42 -2.83
N ASP A 82 1.11 -6.88 -1.62
CA ASP A 82 1.96 -7.42 -0.57
C ASP A 82 1.19 -8.57 0.08
N THR A 83 1.78 -9.78 0.05
CA THR A 83 1.07 -10.98 0.49
C THR A 83 0.70 -11.03 2.00
N ALA A 84 1.25 -10.13 2.79
CA ALA A 84 0.90 -10.09 4.21
C ALA A 84 -0.09 -8.98 4.56
N SER A 85 0.13 -7.78 4.02
CA SER A 85 -0.71 -6.63 4.39
C SER A 85 -1.95 -6.54 3.54
N SER A 86 -1.83 -7.06 2.32
CA SER A 86 -2.87 -7.08 1.28
C SER A 86 -3.00 -5.73 0.59
N ALA A 87 -2.07 -4.83 0.88
CA ALA A 87 -2.07 -3.54 0.21
C ALA A 87 -1.70 -3.72 -1.25
N ILE A 88 -2.21 -2.84 -2.10
CA ILE A 88 -2.08 -2.99 -3.54
C ILE A 88 -1.54 -1.71 -4.11
N VAL A 89 -0.70 -1.82 -5.14
CA VAL A 89 -0.24 -0.67 -5.91
C VAL A 89 -0.50 -0.98 -7.37
N VAL A 90 -0.97 0.01 -8.12
CA VAL A 90 -1.39 -0.17 -9.52
C VAL A 90 -0.83 0.95 -10.38
N THR A 91 -0.36 0.65 -11.59
CA THR A 91 0.00 1.72 -12.52
C THR A 91 -0.46 1.40 -13.93
N GLN A 92 -0.75 2.44 -14.71
CA GLN A 92 -1.24 2.28 -16.07
C GLN A 92 -0.08 2.23 -17.05
N HIS A 93 -0.18 1.34 -18.02
CA HIS A 93 0.84 1.25 -19.07
C HIS A 93 0.20 1.03 -20.43
N GLY A 94 0.89 1.47 -21.48
CA GLY A 94 0.34 1.43 -22.82
C GLY A 94 0.76 0.15 -23.50
N ARG A 95 1.80 -0.47 -22.96
CA ARG A 95 2.13 -1.83 -23.35
C ARG A 95 3.07 -2.42 -22.33
N VAL A 96 3.15 -3.74 -22.32
CA VAL A 96 3.96 -4.44 -21.33
C VAL A 96 5.42 -4.46 -21.77
N THR A 97 6.29 -3.96 -20.91
CA THR A 97 7.71 -3.84 -21.21
C THR A 97 8.48 -3.94 -19.89
N SER A 98 9.79 -4.17 -20.00
CA SER A 98 10.68 -4.18 -18.87
C SER A 98 10.72 -2.79 -18.26
N VAL A 99 10.69 -1.77 -19.11
CA VAL A 99 10.63 -0.39 -18.66
C VAL A 99 9.38 -0.18 -17.80
N ALA A 100 8.28 -0.71 -18.30
CA ALA A 100 7.01 -0.55 -17.61
C ALA A 100 7.06 -1.24 -16.24
N VAL A 101 7.50 -2.48 -16.19
CA VAL A 101 7.52 -3.21 -14.93
C VAL A 101 8.51 -2.59 -13.94
N GLN A 102 9.63 -2.09 -14.43
CA GLN A 102 10.59 -1.42 -13.55
C GLN A 102 9.97 -0.15 -12.96
N HIS A 103 9.35 0.65 -13.82
CA HIS A 103 8.67 1.84 -13.38
C HIS A 103 7.59 1.50 -12.34
N HIS A 104 6.89 0.41 -12.59
CA HIS A 104 5.78 0.00 -11.76
C HIS A 104 6.29 -0.39 -10.38
N TRP A 105 7.35 -1.19 -10.36
CA TRP A 105 7.95 -1.62 -9.11
C TRP A 105 8.57 -0.48 -8.33
N ALA A 106 9.21 0.46 -9.02
CA ALA A 106 9.72 1.66 -8.36
C ALA A 106 8.58 2.41 -7.67
N THR A 107 7.43 2.47 -8.34
CA THR A 107 6.27 3.17 -7.80
C THR A 107 5.74 2.47 -6.53
N ALA A 108 5.57 1.15 -6.65
CA ALA A 108 5.22 0.31 -5.51
C ALA A 108 6.19 0.44 -4.33
N ILE A 109 7.47 0.63 -4.61
CA ILE A 109 8.47 0.70 -3.56
C ILE A 109 8.36 2.06 -2.87
N ALA A 110 8.15 3.11 -3.65
CA ALA A 110 7.95 4.44 -3.07
C ALA A 110 6.69 4.47 -2.19
N VAL A 111 5.66 3.73 -2.56
CA VAL A 111 4.44 3.65 -1.73
C VAL A 111 4.60 2.76 -0.50
N LEU A 112 5.12 1.55 -0.70
CA LEU A 112 5.04 0.50 0.30
C LEU A 112 6.37 0.18 1.01
N GLY A 113 7.47 0.75 0.49
CA GLY A 113 8.80 0.40 0.97
C GLY A 113 9.38 -0.71 0.12
N ARG A 114 10.64 -1.06 0.36
CA ARG A 114 11.33 -2.11 -0.43
C ARG A 114 11.17 -3.53 0.13
N PRO A 115 10.65 -4.45 -0.69
CA PRO A 115 10.39 -5.85 -0.32
C PRO A 115 11.61 -6.75 -0.50
N LYS A 116 11.65 -7.85 0.24
CA LYS A 116 12.76 -8.79 0.12
C LYS A 116 12.63 -9.60 -1.16
N ALA A 117 11.40 -10.00 -1.50
CA ALA A 117 11.18 -10.81 -2.72
C ALA A 117 9.89 -10.54 -3.48
N ILE A 118 9.91 -10.78 -4.80
CA ILE A 118 8.71 -10.68 -5.65
C ILE A 118 8.46 -11.96 -6.49
N LYS A 119 7.23 -12.46 -6.46
CA LYS A 119 6.82 -13.55 -7.33
C LYS A 119 5.98 -13.04 -8.49
N THR A 120 6.31 -13.56 -9.66
CA THR A 120 5.54 -13.31 -10.87
C THR A 120 5.38 -14.64 -11.57
N ASP A 121 4.74 -14.60 -12.73
CA ASP A 121 4.67 -15.76 -13.57
C ASP A 121 5.89 -15.73 -14.48
N ASN A 122 5.93 -16.64 -15.47
CA ASN A 122 7.10 -16.71 -16.34
C ASN A 122 7.08 -15.66 -17.46
N GLY A 123 6.32 -14.59 -17.27
CA GLY A 123 6.24 -13.48 -18.20
C GLY A 123 7.61 -12.97 -18.60
N SER A 124 7.81 -12.82 -19.90
CA SER A 124 9.13 -12.48 -20.45
C SER A 124 9.66 -11.15 -19.95
N CYS A 125 8.77 -10.26 -19.54
CA CYS A 125 9.20 -8.94 -19.07
C CYS A 125 9.74 -8.96 -17.65
N PHE A 126 9.49 -10.05 -16.92
CA PHE A 126 10.02 -10.17 -15.57
C PHE A 126 11.38 -10.84 -15.57
N THR A 127 11.70 -11.52 -16.67
CA THR A 127 12.92 -12.31 -16.71
C THR A 127 13.91 -11.80 -17.76
N SER A 128 13.70 -10.59 -18.28
CA SER A 128 14.65 -10.05 -19.23
C SER A 128 15.96 -9.72 -18.52
N LYS A 129 17.02 -9.55 -19.29
CA LYS A 129 18.29 -9.11 -18.72
C LYS A 129 18.10 -7.80 -17.96
N SER A 130 17.39 -6.86 -18.59
CA SER A 130 17.20 -5.53 -18.01
C SER A 130 16.59 -5.62 -16.61
N THR A 131 15.45 -6.31 -16.51
CA THR A 131 14.75 -6.51 -15.26
C THR A 131 15.58 -7.29 -14.23
N ARG A 132 16.28 -8.33 -14.65
CA ARG A 132 17.08 -9.11 -13.72
C ARG A 132 18.16 -8.24 -13.07
N GLU A 133 18.85 -7.44 -13.89
CA GLU A 133 19.87 -6.53 -13.39
C GLU A 133 19.26 -5.47 -12.48
N TRP A 134 18.03 -5.07 -12.81
CA TRP A 134 17.29 -4.12 -11.98
C TRP A 134 17.06 -4.69 -10.57
N LEU A 135 16.37 -5.83 -10.51
CA LEU A 135 16.10 -6.54 -9.27
C LEU A 135 17.37 -6.71 -8.46
N ALA A 136 18.46 -7.00 -9.17
CA ALA A 136 19.73 -7.29 -8.50
C ALA A 136 20.31 -6.02 -7.90
N ARG A 137 20.21 -4.92 -8.63
CA ARG A 137 20.66 -3.61 -8.15
C ARG A 137 19.96 -3.26 -6.84
N TRP A 138 18.66 -3.55 -6.77
CA TRP A 138 17.83 -3.23 -5.61
C TRP A 138 17.87 -4.33 -4.55
N GLY A 139 18.53 -5.45 -4.86
CA GLY A 139 18.59 -6.56 -3.94
C GLY A 139 17.25 -7.19 -3.60
N ILE A 140 16.36 -7.20 -4.59
CA ILE A 140 15.06 -7.82 -4.44
C ILE A 140 15.10 -9.17 -5.15
N ALA A 141 14.88 -10.22 -4.38
CA ALA A 141 14.89 -11.56 -4.92
C ALA A 141 13.70 -11.73 -5.83
N HIS A 142 13.81 -12.61 -6.83
CA HIS A 142 12.71 -12.85 -7.76
C HIS A 142 12.45 -14.34 -7.93
N THR A 143 11.18 -14.72 -8.05
CA THR A 143 10.84 -16.12 -8.24
C THR A 143 9.63 -16.22 -9.18
N THR A 144 9.55 -17.33 -9.91
CA THR A 144 8.40 -17.54 -10.78
C THR A 144 7.53 -18.71 -10.31
N GLY A 145 7.35 -18.83 -9.00
CA GLY A 145 6.60 -19.92 -8.41
C GLY A 145 5.21 -20.14 -8.98
N ALA A 154 -1.89 -16.34 -6.71
CA ALA A 154 -3.35 -16.22 -6.55
C ALA A 154 -3.76 -14.96 -5.82
N MET A 155 -3.00 -14.53 -4.82
CA MET A 155 -3.36 -13.30 -4.11
C MET A 155 -3.45 -12.12 -5.06
N VAL A 156 -2.56 -12.09 -6.05
CA VAL A 156 -2.59 -11.02 -7.03
C VAL A 156 -3.77 -11.14 -8.00
N GLU A 157 -4.20 -12.37 -8.32
CA GLU A 157 -5.48 -12.61 -9.02
C GLU A 157 -6.70 -12.04 -8.28
N ARG A 158 -6.79 -12.33 -6.98
CA ARG A 158 -7.83 -11.73 -6.15
C ARG A 158 -7.74 -10.21 -6.26
N ALA A 159 -6.53 -9.69 -6.13
CA ALA A 159 -6.31 -8.25 -6.27
C ALA A 159 -6.83 -7.70 -7.62
N ASN A 160 -6.57 -8.42 -8.71
CA ASN A 160 -7.06 -8.01 -10.02
C ASN A 160 -8.59 -7.97 -10.03
N ARG A 161 -9.22 -8.98 -9.41
CA ARG A 161 -10.68 -8.98 -9.32
C ARG A 161 -11.21 -7.76 -8.51
N LEU A 162 -10.63 -7.51 -7.35
CA LEU A 162 -11.05 -6.36 -6.54
C LEU A 162 -10.89 -5.02 -7.26
N LEU A 163 -9.69 -4.82 -7.82
CA LEU A 163 -9.39 -3.68 -8.68
C LEU A 163 -10.42 -3.51 -9.80
N LYS A 164 -10.57 -4.54 -10.63
CA LYS A 164 -11.51 -4.46 -11.75
C LYS A 164 -12.96 -4.17 -11.32
N ASP A 165 -13.34 -4.68 -10.14
CA ASP A 165 -14.69 -4.44 -9.61
C ASP A 165 -14.83 -2.98 -9.24
N LYS A 166 -13.83 -2.47 -8.54
CA LYS A 166 -13.87 -1.09 -8.12
C LYS A 166 -13.92 -0.18 -9.33
N ILE A 167 -13.01 -0.41 -10.27
CA ILE A 167 -12.97 0.38 -11.48
C ILE A 167 -14.33 0.34 -12.17
N ARG A 168 -14.92 -0.85 -12.26
CA ARG A 168 -16.24 -0.96 -12.86
C ARG A 168 -17.25 -0.07 -12.15
N VAL A 169 -17.34 -0.21 -10.84
CA VAL A 169 -18.32 0.53 -10.03
C VAL A 169 -18.15 2.06 -10.15
N LEU A 170 -16.92 2.55 -10.07
CA LEU A 170 -16.68 3.98 -10.20
C LEU A 170 -16.98 4.52 -11.61
N ALA A 171 -16.62 3.74 -12.63
CA ALA A 171 -16.84 4.16 -14.00
C ALA A 171 -18.33 4.21 -14.32
N GLU A 172 -19.06 3.17 -13.93
CA GLU A 172 -20.50 3.12 -14.19
C GLU A 172 -21.25 4.09 -13.28
N GLY A 173 -20.64 4.44 -12.15
CA GLY A 173 -21.23 5.41 -11.25
C GLY A 173 -21.16 6.82 -11.81
N ASP A 174 -20.49 6.98 -12.93
CA ASP A 174 -20.34 8.29 -13.56
C ASP A 174 -20.74 8.23 -15.03
N GLY A 175 -21.57 7.26 -15.40
CA GLY A 175 -22.11 7.17 -16.75
C GLY A 175 -21.22 6.50 -17.78
N PHE A 176 -20.04 6.06 -17.37
CA PHE A 176 -19.12 5.42 -18.29
C PHE A 176 -19.31 3.91 -18.26
N MET A 177 -20.20 3.42 -19.11
CA MET A 177 -20.46 1.98 -19.21
C MET A 177 -19.44 1.34 -20.13
N LYS A 178 -18.65 2.20 -20.77
CA LYS A 178 -17.72 1.79 -21.83
C LYS A 178 -16.27 2.08 -21.42
N ARG A 179 -15.47 2.48 -22.40
CA ARG A 179 -14.19 3.09 -22.14
C ARG A 179 -14.41 4.37 -21.34
N ILE A 180 -13.64 4.52 -20.26
CA ILE A 180 -13.60 5.75 -19.48
C ILE A 180 -12.88 6.78 -20.33
N PRO A 181 -13.35 8.04 -20.31
CA PRO A 181 -12.64 9.06 -21.10
C PRO A 181 -11.19 9.17 -20.65
N THR A 182 -10.31 9.45 -21.60
CA THR A 182 -8.87 9.42 -21.36
C THR A 182 -8.44 10.32 -20.21
N SER A 183 -8.95 11.54 -20.18
CA SER A 183 -8.58 12.49 -19.14
C SER A 183 -9.14 12.18 -17.74
N LYS A 184 -10.16 11.33 -17.65
CA LYS A 184 -10.70 10.93 -16.33
C LYS A 184 -10.06 9.66 -15.72
N GLN A 185 -9.24 8.97 -16.53
CA GLN A 185 -8.68 7.68 -16.17
C GLN A 185 -7.78 7.77 -14.94
N GLY A 186 -6.76 8.61 -15.01
CA GLY A 186 -5.90 8.90 -13.87
C GLY A 186 -6.64 9.02 -12.55
N GLU A 187 -7.53 10.02 -12.44
CA GLU A 187 -8.26 10.25 -11.20
C GLU A 187 -9.08 9.04 -10.75
N LEU A 188 -9.73 8.40 -11.72
CA LEU A 188 -10.57 7.25 -11.40
C LEU A 188 -9.78 6.08 -10.80
N LEU A 189 -8.57 5.87 -11.32
CA LEU A 189 -7.71 4.78 -10.88
C LEU A 189 -7.19 5.14 -9.50
N ALA A 190 -6.82 6.39 -9.32
CA ALA A 190 -6.39 6.86 -8.01
C ALA A 190 -7.50 6.65 -6.96
N LYS A 191 -8.74 6.90 -7.35
CA LYS A 191 -9.89 6.70 -6.47
C LYS A 191 -10.02 5.22 -6.08
N ALA A 192 -9.94 4.35 -7.08
CA ALA A 192 -9.97 2.90 -6.83
C ALA A 192 -8.86 2.45 -5.86
N MET A 193 -7.65 2.96 -6.07
CA MET A 193 -6.53 2.61 -5.21
C MET A 193 -6.80 3.09 -3.76
N TYR A 194 -7.33 4.31 -3.62
CA TYR A 194 -7.74 4.83 -2.30
C TYR A 194 -8.74 3.93 -1.60
N ALA A 195 -9.80 3.54 -2.32
CA ALA A 195 -10.82 2.65 -1.76
C ALA A 195 -10.27 1.26 -1.41
N LEU A 196 -9.25 0.83 -2.12
CA LEU A 196 -8.68 -0.49 -1.84
C LEU A 196 -7.80 -0.49 -0.58
N ASN A 197 -6.89 0.47 -0.48
CA ASN A 197 -5.94 0.48 0.63
C ASN A 197 -6.42 1.22 1.89
N HIS A 198 -7.33 2.19 1.73
CA HIS A 198 -7.77 3.00 2.88
C HIS A 198 -9.20 2.71 3.37
N LYS A 199 -9.75 1.58 2.93
CA LYS A 199 -10.98 1.07 3.50
C LYS A 199 -10.84 -0.41 3.82
N GLU A 200 -11.43 -0.82 4.94
CA GLU A 200 -11.37 -2.20 5.40
C GLU A 200 -11.95 -3.15 4.37
N ARG A 201 -11.28 -4.28 4.16
CA ARG A 201 -11.80 -5.33 3.29
C ARG A 201 -12.78 -6.18 4.09
N GLY A 202 -14.03 -5.74 4.14
CA GLY A 202 -15.09 -6.46 4.84
C GLY A 202 -14.83 -6.79 6.29
N GLU A 203 -14.44 -8.04 6.54
CA GLU A 203 -14.27 -8.58 7.89
C GLU A 203 -13.05 -8.07 8.65
N ASN A 204 -12.19 -7.32 7.96
CA ASN A 204 -11.03 -6.69 8.59
C ASN A 204 -11.42 -5.46 9.40
N THR A 205 -10.85 -5.33 10.59
CA THR A 205 -11.05 -4.13 11.38
C THR A 205 -10.01 -3.08 10.99
N LYS A 206 -8.92 -3.54 10.37
CA LYS A 206 -7.88 -2.62 9.90
C LYS A 206 -7.87 -2.54 8.38
N THR A 207 -7.66 -1.35 7.85
CA THR A 207 -7.43 -1.17 6.42
C THR A 207 -6.13 -1.83 6.01
N PRO A 208 -5.96 -2.10 4.71
CA PRO A 208 -4.71 -2.69 4.25
C PRO A 208 -3.49 -1.82 4.56
N ILE A 209 -3.61 -0.50 4.43
CA ILE A 209 -2.44 0.35 4.64
C ILE A 209 -2.02 0.36 6.11
N GLN A 210 -3.02 0.31 7.00
CA GLN A 210 -2.77 0.20 8.43
C GLN A 210 -2.06 -1.11 8.73
N LYS A 211 -2.52 -2.20 8.10
CA LYS A 211 -1.92 -3.50 8.36
C LYS A 211 -0.51 -3.52 7.81
N HIS A 212 -0.26 -2.69 6.81
CA HIS A 212 1.05 -2.64 6.15
C HIS A 212 2.06 -1.93 7.03
N TRP A 213 1.66 -0.81 7.61
CA TRP A 213 2.61 -0.04 8.40
C TRP A 213 2.67 -0.44 9.88
N ARG A 214 1.53 -0.85 10.44
CA ARG A 214 1.47 -1.38 11.80
C ARG A 214 0.95 -2.82 11.87
N PRO A 215 1.70 -3.78 11.29
CA PRO A 215 1.24 -5.17 11.21
C PRO A 215 1.32 -5.89 12.53
N THR A 216 0.64 -7.03 12.59
CA THR A 216 0.73 -7.91 13.75
C THR A 216 1.49 -9.17 13.35
N VAL A 217 2.62 -9.40 14.02
CA VAL A 217 3.47 -10.53 13.73
C VAL A 217 3.73 -11.27 15.03
N LEU A 218 3.07 -12.42 15.19
CA LEU A 218 3.14 -13.23 16.40
C LEU A 218 4.54 -13.77 16.63
N THR A 219 4.95 -13.74 17.89
CA THR A 219 6.27 -14.21 18.28
C THR A 219 6.37 -15.73 18.26
N GLU A 220 5.41 -16.42 18.86
CA GLU A 220 5.51 -17.88 18.91
C GLU A 220 4.27 -18.64 18.47
N GLY A 221 3.09 -18.01 18.61
CA GLY A 221 1.84 -18.60 18.15
C GLY A 221 1.26 -19.72 19.01
N PRO A 222 -0.06 -19.76 19.16
CA PRO A 222 -0.78 -20.76 19.98
C PRO A 222 -0.73 -22.18 19.39
N PRO A 223 -0.84 -23.21 20.24
CA PRO A 223 -0.67 -24.58 19.74
C PRO A 223 -1.89 -25.04 18.96
N VAL A 224 -1.68 -25.83 17.91
CA VAL A 224 -2.79 -26.36 17.13
C VAL A 224 -2.51 -27.82 16.79
N LYS A 225 -3.58 -28.52 16.38
CA LYS A 225 -3.48 -29.83 15.77
C LYS A 225 -3.69 -29.62 14.28
N ILE A 226 -2.83 -30.20 13.43
CA ILE A 226 -3.13 -30.20 12.00
C ILE A 226 -3.44 -31.60 11.45
N ARG A 227 -4.42 -31.69 10.55
CA ARG A 227 -4.79 -32.96 9.92
C ARG A 227 -3.74 -33.34 8.87
N ILE A 228 -2.94 -34.36 9.19
CA ILE A 228 -1.69 -34.62 8.49
C ILE A 228 -1.79 -34.73 6.95
N GLU A 229 -2.36 -35.84 6.48
CA GLU A 229 -2.29 -36.20 5.06
C GLU A 229 -2.96 -37.55 4.95
N THR A 230 -2.57 -38.43 5.87
CA THR A 230 -3.28 -39.67 6.09
C THR A 230 -4.70 -39.28 6.43
N GLY A 231 -4.83 -38.34 7.36
CA GLY A 231 -6.11 -37.80 7.76
C GLY A 231 -6.32 -37.76 9.25
N GLU A 232 -5.26 -37.99 10.02
CA GLU A 232 -5.33 -37.88 11.47
C GLU A 232 -4.84 -36.51 11.97
N TRP A 233 -5.25 -36.13 13.17
CA TRP A 233 -4.80 -34.88 13.77
C TRP A 233 -3.49 -35.03 14.55
N GLU A 234 -2.47 -34.35 14.04
CA GLU A 234 -1.12 -34.35 14.61
C GLU A 234 -0.96 -33.10 15.46
N LYS A 235 -0.22 -33.20 16.57
CA LYS A 235 -0.40 -32.26 17.69
C LYS A 235 0.76 -31.31 18.00
N GLY A 236 1.87 -31.38 17.26
CA GLY A 236 3.03 -30.57 17.62
C GLY A 236 3.21 -29.24 16.91
N TRP A 237 2.13 -28.51 16.67
CA TRP A 237 2.21 -27.36 15.80
C TRP A 237 1.74 -26.07 16.45
N ASN A 238 2.23 -24.95 15.93
CA ASN A 238 1.74 -23.64 16.35
C ASN A 238 1.32 -22.81 15.15
N VAL A 239 0.39 -21.90 15.36
CA VAL A 239 -0.16 -21.19 14.22
C VAL A 239 0.20 -19.70 14.29
N LEU A 240 0.64 -19.16 13.16
CA LEU A 240 1.12 -17.79 13.14
C LEU A 240 0.16 -16.81 12.45
N VAL A 241 -0.55 -17.31 11.45
CA VAL A 241 -1.50 -16.52 10.70
C VAL A 241 -2.67 -17.45 10.42
N TRP A 242 -3.90 -17.00 10.67
CA TRP A 242 -5.03 -17.88 10.40
C TRP A 242 -6.12 -17.24 9.54
N GLY A 243 -5.96 -17.34 8.24
CA GLY A 243 -6.93 -16.76 7.30
C GLY A 243 -8.14 -17.65 7.05
N ARG A 244 -9.01 -17.19 6.18
CA ARG A 244 -10.20 -17.95 5.83
C ARG A 244 -9.73 -19.09 4.95
N GLY A 245 -8.99 -18.75 3.90
CA GLY A 245 -8.46 -19.73 2.98
C GLY A 245 -7.33 -20.57 3.56
N TYR A 246 -6.27 -19.91 4.03
CA TYR A 246 -5.07 -20.62 4.45
C TYR A 246 -4.54 -20.18 5.83
N ALA A 247 -3.77 -21.05 6.44
CA ALA A 247 -3.14 -20.80 7.73
C ALA A 247 -1.66 -21.06 7.61
N ALA A 248 -0.84 -20.24 8.28
CA ALA A 248 0.59 -20.50 8.32
C ALA A 248 0.87 -21.22 9.63
N VAL A 249 1.52 -22.37 9.53
CA VAL A 249 1.84 -23.14 10.73
C VAL A 249 3.34 -23.43 10.83
N LYS A 250 3.81 -23.53 12.06
CA LYS A 250 5.22 -23.73 12.36
C LYS A 250 5.35 -25.01 13.13
N ASN A 251 6.33 -25.83 12.76
CA ASN A 251 6.63 -27.03 13.51
C ASN A 251 7.50 -26.65 14.71
N ARG A 252 7.28 -27.32 15.83
CA ARG A 252 8.00 -26.99 17.04
C ARG A 252 9.40 -27.60 17.13
N ASP A 253 9.86 -28.24 16.04
CA ASP A 253 11.19 -28.81 16.02
C ASP A 253 12.05 -28.27 14.89
N THR A 254 11.42 -27.64 13.91
CA THR A 254 12.16 -26.91 12.89
C THR A 254 11.87 -25.41 12.96
N ASP A 255 12.63 -24.68 12.16
CA ASP A 255 12.31 -23.31 11.80
C ASP A 255 11.02 -23.27 11.00
N LYS A 256 10.70 -24.40 10.37
CA LYS A 256 9.91 -24.44 9.15
C LYS A 256 8.45 -24.03 9.25
N VAL A 257 8.11 -23.03 8.45
CA VAL A 257 6.75 -22.53 8.31
C VAL A 257 6.18 -23.01 7.01
N ILE A 258 4.99 -23.61 7.05
CA ILE A 258 4.26 -23.95 5.83
C ILE A 258 2.83 -23.41 5.82
N TRP A 259 2.33 -23.15 4.62
CA TRP A 259 0.95 -22.72 4.46
C TRP A 259 0.06 -23.90 4.11
N VAL A 260 -1.00 -24.08 4.91
CA VAL A 260 -1.94 -25.19 4.77
C VAL A 260 -3.40 -24.70 4.77
N PRO A 261 -4.31 -25.46 4.14
CA PRO A 261 -5.71 -25.00 4.13
C PRO A 261 -6.37 -25.01 5.52
N SER A 262 -7.07 -23.93 5.85
CA SER A 262 -7.71 -23.73 7.17
C SER A 262 -8.53 -24.90 7.72
N ARG A 263 -9.09 -25.72 6.84
CA ARG A 263 -9.88 -26.87 7.25
C ARG A 263 -9.00 -27.90 7.95
N LYS A 264 -7.70 -27.84 7.66
CA LYS A 264 -6.75 -28.83 8.18
C LYS A 264 -6.13 -28.41 9.52
N VAL A 265 -6.61 -27.31 10.08
CA VAL A 265 -6.10 -26.81 11.35
C VAL A 265 -7.21 -26.65 12.40
N LYS A 266 -6.93 -27.09 13.62
CA LYS A 266 -7.86 -26.88 14.72
C LYS A 266 -7.07 -26.58 16.01
N PRO A 267 -7.67 -25.82 16.94
CA PRO A 267 -6.99 -25.54 18.21
C PRO A 267 -6.58 -26.81 18.96
N ASP A 268 -5.53 -26.73 19.78
CA ASP A 268 -5.15 -27.85 20.64
C ASP A 268 -5.58 -27.61 22.10
N ILE A 269 -6.16 -28.65 22.71
CA ILE A 269 -6.84 -28.59 24.03
C ILE A 269 -7.58 -27.28 24.25
N GLY B 54 -1.28 20.88 10.93
CA GLY B 54 -1.24 21.04 12.37
C GLY B 54 -0.52 19.88 13.02
N LEU B 55 -0.65 19.72 14.33
CA LEU B 55 -0.07 18.56 15.00
C LEU B 55 -0.88 17.32 14.64
N GLY B 56 -0.62 16.76 13.46
CA GLY B 56 -1.33 15.58 12.99
C GLY B 56 -1.29 15.34 11.49
N PRO B 57 -1.03 14.10 11.09
CA PRO B 57 -1.10 13.75 9.67
C PRO B 57 -2.53 13.93 9.17
N LEU B 58 -2.68 14.30 7.90
CA LEU B 58 -3.99 14.47 7.27
C LEU B 58 -4.83 15.61 7.86
N GLN B 59 -4.18 16.69 8.30
CA GLN B 59 -4.90 17.89 8.74
C GLN B 59 -4.87 18.99 7.69
N ILE B 60 -3.66 19.51 7.42
CA ILE B 60 -3.48 20.50 6.37
C ILE B 60 -2.37 20.07 5.42
N TRP B 61 -2.65 20.09 4.12
CA TRP B 61 -1.59 19.90 3.12
C TRP B 61 -1.36 21.19 2.41
N GLN B 62 -0.20 21.36 1.82
CA GLN B 62 0.03 22.49 0.93
C GLN B 62 0.29 21.95 -0.46
N THR B 63 -0.36 22.54 -1.44
CA THR B 63 -0.15 22.11 -2.81
C THR B 63 0.34 23.25 -3.67
N ASP B 64 1.26 22.95 -4.58
CA ASP B 64 1.74 23.95 -5.50
C ASP B 64 2.15 23.26 -6.79
N PHE B 65 2.17 24.01 -7.89
CA PHE B 65 2.71 23.51 -9.14
C PHE B 65 4.08 24.10 -9.28
N THR B 66 4.98 23.39 -9.94
CA THR B 66 6.33 23.92 -10.16
C THR B 66 7.00 23.32 -11.38
N LEU B 67 7.80 24.12 -12.07
CA LEU B 67 8.37 23.74 -13.36
C LEU B 67 9.74 23.07 -13.28
N GLU B 68 9.78 21.81 -13.70
CA GLU B 68 11.03 21.07 -13.83
C GLU B 68 11.26 20.66 -15.28
N PRO B 69 11.96 21.52 -16.05
CA PRO B 69 12.24 21.26 -17.48
C PRO B 69 13.01 19.97 -17.74
N ARG B 70 13.66 19.43 -16.71
CA ARG B 70 14.31 18.13 -16.84
C ARG B 70 13.30 17.03 -17.13
N MET B 71 12.05 17.28 -16.77
CA MET B 71 10.97 16.31 -16.96
C MET B 71 10.12 16.57 -18.20
N ALA B 72 10.66 17.33 -19.14
CA ALA B 72 9.91 17.69 -20.35
C ALA B 72 9.62 16.44 -21.18
N PRO B 73 8.47 16.39 -21.88
CA PRO B 73 7.42 17.41 -22.08
C PRO B 73 6.48 17.66 -20.90
N ARG B 74 6.28 16.67 -20.03
CA ARG B 74 5.42 16.84 -18.87
C ARG B 74 6.17 17.51 -17.73
N SER B 75 6.69 18.72 -17.99
CA SER B 75 7.59 19.38 -17.06
C SER B 75 6.89 20.03 -15.86
N TRP B 76 5.56 20.08 -15.88
CA TRP B 76 4.82 20.61 -14.74
C TRP B 76 4.64 19.57 -13.64
N LEU B 77 5.08 19.93 -12.44
CA LEU B 77 5.05 19.01 -11.32
C LEU B 77 4.07 19.50 -10.27
N ALA B 78 3.02 18.74 -10.06
CA ALA B 78 2.12 18.98 -8.95
C ALA B 78 2.72 18.36 -7.72
N VAL B 79 2.96 19.22 -6.73
CA VAL B 79 3.58 18.83 -5.48
C VAL B 79 2.62 19.08 -4.33
N THR B 80 2.51 18.09 -3.46
CA THR B 80 1.68 18.20 -2.26
C THR B 80 2.53 17.74 -1.10
N VAL B 81 2.44 18.44 0.01
CA VAL B 81 3.15 18.01 1.21
C VAL B 81 2.24 18.15 2.44
N ASP B 82 2.24 17.12 3.28
CA ASP B 82 1.45 17.12 4.52
C ASP B 82 2.21 17.92 5.56
N THR B 83 1.62 19.00 6.06
CA THR B 83 2.36 19.94 6.91
C THR B 83 2.86 19.32 8.23
N ALA B 84 2.25 18.23 8.67
CA ALA B 84 2.69 17.56 9.89
C ALA B 84 3.75 16.47 9.66
N SER B 85 3.48 15.55 8.74
CA SER B 85 4.43 14.47 8.45
C SER B 85 5.52 14.85 7.44
N SER B 86 5.26 15.88 6.65
CA SER B 86 6.15 16.31 5.55
C SER B 86 6.30 15.28 4.41
N ALA B 87 5.40 14.31 4.35
CA ALA B 87 5.29 13.42 3.20
C ALA B 87 4.96 14.18 1.89
N ILE B 88 5.70 13.87 0.83
CA ILE B 88 5.52 14.51 -0.47
C ILE B 88 4.77 13.56 -1.39
N VAL B 89 3.93 14.11 -2.25
CA VAL B 89 3.47 13.35 -3.41
C VAL B 89 3.62 14.26 -4.61
N VAL B 90 4.24 13.71 -5.66
CA VAL B 90 4.48 14.44 -6.90
C VAL B 90 3.84 13.73 -8.10
N THR B 91 3.16 14.48 -8.96
CA THR B 91 2.69 13.92 -10.24
C THR B 91 3.08 14.88 -11.36
N GLN B 92 3.38 14.37 -12.55
CA GLN B 92 3.73 15.29 -13.65
C GLN B 92 2.60 15.54 -14.64
N HIS B 93 2.67 16.71 -15.28
CA HIS B 93 1.60 17.17 -16.16
C HIS B 93 2.19 18.02 -17.28
N GLY B 94 1.59 17.93 -18.47
CA GLY B 94 2.06 18.69 -19.63
C GLY B 94 1.70 20.16 -19.51
N ARG B 95 0.50 20.42 -19.01
CA ARG B 95 0.09 21.79 -18.72
C ARG B 95 -0.73 21.84 -17.43
N VAL B 96 -0.81 23.02 -16.84
CA VAL B 96 -1.42 23.19 -15.53
C VAL B 96 -2.92 23.46 -15.67
N THR B 97 -3.67 22.38 -15.88
CA THR B 97 -5.09 22.45 -16.13
C THR B 97 -5.88 22.22 -14.86
N SER B 98 -7.21 22.18 -14.98
CA SER B 98 -8.06 21.91 -13.83
C SER B 98 -8.23 20.40 -13.60
N VAL B 99 -7.99 19.61 -14.64
CA VAL B 99 -8.03 18.15 -14.52
C VAL B 99 -6.73 17.59 -13.91
N ALA B 100 -5.60 18.25 -14.21
CA ALA B 100 -4.32 17.87 -13.65
C ALA B 100 -4.34 17.93 -12.13
N VAL B 101 -4.90 19.00 -11.59
CA VAL B 101 -4.96 19.18 -10.14
C VAL B 101 -5.75 18.08 -9.48
N GLN B 102 -6.90 17.74 -10.05
CA GLN B 102 -7.77 16.73 -9.45
C GLN B 102 -7.12 15.36 -9.55
N HIS B 103 -6.44 15.12 -10.67
CA HIS B 103 -5.68 13.90 -10.83
C HIS B 103 -4.61 13.81 -9.74
N HIS B 104 -3.92 14.93 -9.53
CA HIS B 104 -2.82 14.99 -8.57
C HIS B 104 -3.30 14.71 -7.16
N TRP B 105 -4.29 15.49 -6.74
CA TRP B 105 -4.87 15.32 -5.42
C TRP B 105 -5.38 13.92 -5.21
N ALA B 106 -6.02 13.36 -6.23
CA ALA B 106 -6.54 12.00 -6.10
C ALA B 106 -5.40 11.00 -5.88
N THR B 107 -4.29 11.21 -6.58
CA THR B 107 -3.10 10.41 -6.39
C THR B 107 -2.60 10.50 -4.94
N ALA B 108 -2.35 11.72 -4.49
CA ALA B 108 -1.83 11.96 -3.15
C ALA B 108 -2.76 11.41 -2.09
N ILE B 109 -4.06 11.48 -2.31
CA ILE B 109 -5.02 10.92 -1.38
C ILE B 109 -4.92 9.39 -1.37
N ALA B 110 -4.74 8.80 -2.54
CA ALA B 110 -4.54 7.36 -2.60
C ALA B 110 -3.32 6.90 -1.81
N VAL B 111 -2.23 7.68 -1.87
CA VAL B 111 -1.05 7.35 -1.08
C VAL B 111 -1.22 7.65 0.43
N LEU B 112 -1.59 8.90 0.72
CA LEU B 112 -1.57 9.45 2.08
C LEU B 112 -2.88 9.35 2.89
N GLY B 113 -4.01 9.22 2.20
CA GLY B 113 -5.30 9.25 2.86
C GLY B 113 -5.92 10.63 2.66
N ARG B 114 -7.20 10.81 2.99
CA ARG B 114 -7.84 12.11 2.80
C ARG B 114 -7.61 13.06 3.96
N PRO B 115 -7.17 14.29 3.66
CA PRO B 115 -6.89 15.35 4.64
C PRO B 115 -8.13 16.18 4.98
N LYS B 116 -8.11 16.91 6.09
CA LYS B 116 -9.19 17.84 6.41
C LYS B 116 -9.18 19.02 5.45
N ALA B 117 -7.99 19.54 5.17
CA ALA B 117 -7.88 20.77 4.39
C ALA B 117 -6.62 20.89 3.56
N ILE B 118 -6.73 21.60 2.43
CA ILE B 118 -5.57 21.91 1.60
C ILE B 118 -5.39 23.40 1.34
N LYS B 119 -4.16 23.89 1.50
CA LYS B 119 -3.78 25.26 1.18
C LYS B 119 -3.14 25.34 -0.20
N THR B 120 -3.71 26.19 -1.04
CA THR B 120 -3.10 26.51 -2.33
C THR B 120 -2.98 28.02 -2.38
N ASP B 121 -2.34 28.54 -3.43
CA ASP B 121 -2.43 29.95 -3.72
C ASP B 121 -3.75 30.16 -4.45
N ASN B 122 -3.96 31.33 -5.06
CA ASN B 122 -5.24 31.57 -5.72
C ASN B 122 -5.22 31.38 -7.24
N GLY B 123 -5.81 30.28 -7.67
CA GLY B 123 -6.11 30.04 -9.07
C GLY B 123 -4.94 29.79 -10.01
N SER B 124 -5.26 29.76 -11.31
CA SER B 124 -6.65 29.86 -11.72
C SER B 124 -7.27 28.47 -11.73
N CYS B 125 -6.44 27.45 -11.91
CA CYS B 125 -6.91 26.07 -11.94
C CYS B 125 -7.08 25.50 -10.54
N PHE B 126 -6.69 26.27 -9.55
CA PHE B 126 -6.96 25.94 -8.15
C PHE B 126 -8.36 26.42 -7.78
N THR B 127 -8.75 27.56 -8.36
CA THR B 127 -10.07 28.15 -8.08
C THR B 127 -11.06 27.95 -9.24
N SER B 128 -10.81 26.92 -10.04
CA SER B 128 -11.75 26.48 -11.08
C SER B 128 -13.11 26.22 -10.44
N LYS B 129 -14.18 26.34 -11.22
CA LYS B 129 -15.48 25.93 -10.71
C LYS B 129 -15.40 24.44 -10.45
N SER B 130 -14.89 23.74 -11.46
CA SER B 130 -14.67 22.30 -11.39
C SER B 130 -13.91 21.90 -10.13
N THR B 131 -12.84 22.62 -9.83
CA THR B 131 -11.96 22.26 -8.72
C THR B 131 -12.65 22.40 -7.36
N ARG B 132 -13.40 23.47 -7.19
CA ARG B 132 -14.13 23.68 -5.95
C ARG B 132 -15.23 22.64 -5.79
N GLU B 133 -15.92 22.36 -6.89
CA GLU B 133 -16.98 21.35 -6.87
C GLU B 133 -16.40 20.00 -6.44
N TRP B 134 -15.23 19.69 -6.97
CA TRP B 134 -14.51 18.46 -6.64
C TRP B 134 -14.13 18.39 -5.15
N LEU B 135 -13.56 19.48 -4.65
CA LEU B 135 -13.21 19.55 -3.24
C LEU B 135 -14.43 19.28 -2.37
N ALA B 136 -15.53 19.95 -2.70
CA ALA B 136 -16.76 19.77 -1.94
C ALA B 136 -17.27 18.33 -2.00
N ARG B 137 -17.16 17.71 -3.17
CA ARG B 137 -17.48 16.28 -3.31
C ARG B 137 -16.67 15.45 -2.32
N TRP B 138 -15.39 15.77 -2.18
CA TRP B 138 -14.54 14.99 -1.27
C TRP B 138 -14.67 15.38 0.19
N GLY B 139 -15.40 16.47 0.47
CA GLY B 139 -15.48 17.02 1.82
C GLY B 139 -14.14 17.58 2.31
N ILE B 140 -13.39 18.19 1.39
CA ILE B 140 -12.07 18.74 1.74
C ILE B 140 -12.11 20.25 1.79
N ALA B 141 -11.85 20.80 2.98
CA ALA B 141 -11.81 22.25 3.20
C ALA B 141 -10.67 22.90 2.42
N HIS B 142 -10.96 24.03 1.78
CA HIS B 142 -9.97 24.69 0.94
C HIS B 142 -9.53 26.05 1.48
N THR B 143 -8.22 26.24 1.59
CA THR B 143 -7.63 27.50 1.99
C THR B 143 -6.85 28.08 0.82
N THR B 144 -7.17 29.32 0.45
CA THR B 144 -6.36 30.01 -0.54
C THR B 144 -5.45 30.98 0.19
N GLY B 145 -4.50 31.55 -0.54
CA GLY B 145 -3.55 32.51 0.01
C GLY B 145 -2.73 33.05 -1.14
N ILE B 146 -1.47 33.42 -0.88
CA ILE B 146 -0.55 33.77 -1.97
C ILE B 146 0.90 33.76 -1.53
N ALA B 154 7.43 29.32 2.57
CA ALA B 154 6.46 28.26 2.81
C ALA B 154 7.11 26.88 2.82
N MET B 155 6.33 25.88 3.14
CA MET B 155 6.83 24.51 3.32
C MET B 155 6.89 23.72 2.01
N VAL B 156 5.90 23.93 1.15
CA VAL B 156 5.86 23.32 -0.17
C VAL B 156 6.90 23.95 -1.12
N GLU B 157 7.38 25.13 -0.76
CA GLU B 157 8.47 25.80 -1.50
C GLU B 157 9.78 25.05 -1.22
N ARG B 158 10.01 24.80 0.06
CA ARG B 158 11.11 23.99 0.54
C ARG B 158 11.04 22.62 -0.13
N ALA B 159 9.85 22.05 -0.15
CA ALA B 159 9.62 20.80 -0.85
C ALA B 159 10.06 20.91 -2.33
N ASN B 160 9.66 21.98 -3.01
CA ASN B 160 10.05 22.19 -4.40
C ASN B 160 11.56 22.16 -4.57
N ARG B 161 12.28 22.81 -3.64
CA ARG B 161 13.73 22.80 -3.71
C ARG B 161 14.35 21.40 -3.48
N LEU B 162 13.91 20.71 -2.43
CA LEU B 162 14.39 19.36 -2.12
C LEU B 162 14.17 18.41 -3.30
N LEU B 163 12.99 18.56 -3.90
CA LEU B 163 12.52 17.70 -4.96
C LEU B 163 13.32 17.93 -6.24
N LYS B 164 13.46 19.19 -6.65
CA LYS B 164 14.29 19.48 -7.82
C LYS B 164 15.77 19.10 -7.64
N ASP B 165 16.27 19.21 -6.41
CA ASP B 165 17.64 18.77 -6.12
C ASP B 165 17.79 17.24 -6.23
N LYS B 166 16.87 16.50 -5.61
CA LYS B 166 16.89 15.04 -5.66
C LYS B 166 16.78 14.55 -7.10
N ILE B 167 15.97 15.24 -7.90
CA ILE B 167 15.84 14.90 -9.31
C ILE B 167 17.14 15.16 -10.09
N ARG B 168 17.75 16.33 -9.87
CA ARG B 168 19.00 16.62 -10.56
C ARG B 168 20.05 15.55 -10.23
N VAL B 169 20.12 15.19 -8.95
CA VAL B 169 21.06 14.17 -8.49
C VAL B 169 20.81 12.81 -9.13
N LEU B 170 19.57 12.34 -9.15
CA LEU B 170 19.29 11.02 -9.74
C LEU B 170 19.61 11.01 -11.24
N ALA B 171 19.15 12.05 -11.94
CA ALA B 171 19.36 12.19 -13.38
C ALA B 171 20.83 12.18 -13.75
N GLU B 172 21.62 13.02 -13.08
CA GLU B 172 23.04 13.08 -13.37
C GLU B 172 23.73 11.79 -12.95
N GLY B 173 23.23 11.18 -11.88
CA GLY B 173 23.75 9.93 -11.38
C GLY B 173 23.54 8.78 -12.35
N ASP B 174 22.60 8.93 -13.27
CA ASP B 174 22.38 7.92 -14.29
C ASP B 174 22.94 8.29 -15.68
N GLY B 175 23.57 9.46 -15.79
CA GLY B 175 24.22 9.87 -17.03
C GLY B 175 23.50 10.91 -17.88
N PHE B 176 22.32 11.34 -17.45
CA PHE B 176 21.56 12.35 -18.18
C PHE B 176 21.82 13.71 -17.58
N MET B 177 22.52 14.55 -18.32
CA MET B 177 22.93 15.84 -17.79
C MET B 177 21.94 16.93 -18.11
N LYS B 178 21.10 16.69 -19.11
CA LYS B 178 19.99 17.59 -19.41
C LYS B 178 18.69 16.85 -19.24
N ARG B 179 17.73 17.12 -20.13
CA ARG B 179 16.42 16.50 -20.13
C ARG B 179 16.49 14.98 -20.05
N ILE B 180 15.77 14.42 -19.08
CA ILE B 180 15.70 12.98 -18.90
C ILE B 180 14.85 12.35 -20.02
N PRO B 181 15.35 11.25 -20.61
CA PRO B 181 14.58 10.52 -21.63
C PRO B 181 13.20 10.22 -21.08
N THR B 182 12.17 10.37 -21.91
CA THR B 182 10.78 10.33 -21.45
C THR B 182 10.44 9.04 -20.70
N SER B 183 10.90 7.92 -21.24
CA SER B 183 10.55 6.60 -20.72
C SER B 183 11.08 6.32 -19.31
N LYS B 184 12.20 6.95 -18.96
CA LYS B 184 12.84 6.75 -17.67
C LYS B 184 12.36 7.73 -16.60
N GLN B 185 11.58 8.73 -17.01
CA GLN B 185 11.10 9.78 -16.11
C GLN B 185 10.26 9.22 -14.96
N GLY B 186 9.36 8.28 -15.27
CA GLY B 186 8.49 7.68 -14.27
C GLY B 186 9.25 7.01 -13.14
N GLU B 187 10.16 6.10 -13.51
CA GLU B 187 10.96 5.39 -12.52
C GLU B 187 11.79 6.39 -11.73
N LEU B 188 12.40 7.35 -12.41
CA LEU B 188 13.22 8.33 -11.73
C LEU B 188 12.45 9.10 -10.66
N LEU B 189 11.35 9.73 -11.07
CA LEU B 189 10.42 10.37 -10.16
C LEU B 189 10.03 9.47 -8.98
N ALA B 190 9.74 8.21 -9.26
CA ALA B 190 9.35 7.28 -8.20
C ALA B 190 10.48 7.08 -7.19
N LYS B 191 11.71 7.04 -7.69
CA LYS B 191 12.91 6.95 -6.86
C LYS B 191 13.08 8.20 -6.00
N ALA B 192 12.79 9.36 -6.60
CA ALA B 192 12.82 10.61 -5.85
C ALA B 192 11.89 10.50 -4.66
N MET B 193 10.70 9.96 -4.92
CA MET B 193 9.65 9.86 -3.92
C MET B 193 10.07 8.96 -2.80
N TYR B 194 10.64 7.82 -3.19
CA TYR B 194 11.16 6.85 -2.26
C TYR B 194 12.21 7.48 -1.35
N ALA B 195 13.10 8.25 -1.95
CA ALA B 195 14.17 8.88 -1.21
C ALA B 195 13.62 9.90 -0.20
N LEU B 196 12.83 10.86 -0.68
CA LEU B 196 12.37 11.95 0.17
C LEU B 196 11.45 11.45 1.28
N ASN B 197 10.66 10.43 1.00
CA ASN B 197 9.72 9.98 2.02
C ASN B 197 10.26 8.91 2.94
N HIS B 198 11.13 8.03 2.43
CA HIS B 198 11.61 6.89 3.20
C HIS B 198 13.00 7.08 3.86
N LYS B 199 13.80 8.03 3.37
CA LYS B 199 15.17 8.20 3.85
C LYS B 199 15.42 9.48 4.65
N GLU B 200 16.07 9.30 5.80
CA GLU B 200 16.30 10.34 6.80
C GLU B 200 16.74 11.71 6.28
N ARG B 201 15.95 12.72 6.64
CA ARG B 201 16.30 14.11 6.35
C ARG B 201 17.02 14.73 7.58
N GLY B 202 18.27 14.34 7.78
CA GLY B 202 19.07 14.88 8.88
C GLY B 202 19.04 14.06 10.17
N GLU B 203 19.84 14.47 11.16
CA GLU B 203 19.96 13.74 12.44
C GLU B 203 18.71 13.78 13.34
N ASN B 204 17.68 14.47 12.88
CA ASN B 204 16.29 14.17 13.27
C ASN B 204 15.26 14.60 12.23
N LYS B 206 13.14 12.45 12.07
CA LYS B 206 12.45 11.27 11.55
C LYS B 206 12.13 11.39 10.06
N THR B 207 12.06 10.25 9.38
CA THR B 207 11.60 10.22 8.00
C THR B 207 10.11 10.52 7.93
N PRO B 208 9.66 11.08 6.80
CA PRO B 208 8.23 11.34 6.61
C PRO B 208 7.37 10.08 6.80
N ILE B 209 7.87 8.92 6.37
CA ILE B 209 7.15 7.67 6.57
C ILE B 209 6.87 7.40 8.06
N GLN B 210 7.91 7.55 8.88
CA GLN B 210 7.76 7.44 10.33
C GLN B 210 6.68 8.36 10.89
N LYS B 211 6.67 9.61 10.43
CA LYS B 211 5.73 10.60 10.98
C LYS B 211 4.29 10.40 10.49
N HIS B 212 4.14 9.96 9.25
CA HIS B 212 2.80 9.81 8.69
C HIS B 212 2.14 8.54 9.21
N TRP B 213 2.93 7.47 9.34
CA TRP B 213 2.37 6.13 9.59
C TRP B 213 2.63 5.56 10.97
N ARG B 214 3.60 6.13 11.69
CA ARG B 214 4.08 5.60 12.98
C ARG B 214 4.27 4.09 12.90
N PRO B 215 5.15 3.64 12.00
CA PRO B 215 5.29 2.20 11.72
C PRO B 215 5.79 1.44 12.93
N THR B 216 5.29 0.24 13.13
CA THR B 216 5.75 -0.60 14.20
C THR B 216 5.25 -2.01 13.93
N VAL B 217 5.82 -2.99 14.63
CA VAL B 217 5.36 -4.37 14.52
C VAL B 217 4.74 -4.77 15.85
N LEU B 218 3.43 -4.96 15.86
CA LEU B 218 2.74 -5.40 17.05
C LEU B 218 2.88 -6.91 17.18
N THR B 219 2.86 -7.41 18.42
CA THR B 219 3.12 -8.83 18.64
C THR B 219 1.90 -9.56 19.19
N GLU B 220 0.79 -8.83 19.26
CA GLU B 220 -0.49 -9.38 19.69
C GLU B 220 -1.57 -8.45 19.15
N GLY B 221 -2.82 -8.86 19.27
CA GLY B 221 -3.93 -8.06 18.81
C GLY B 221 -4.38 -7.06 19.86
N PRO B 222 -5.58 -6.50 19.68
CA PRO B 222 -6.18 -5.56 20.64
C PRO B 222 -6.50 -6.24 21.97
N PRO B 223 -6.53 -5.46 23.05
CA PRO B 223 -6.91 -5.97 24.39
C PRO B 223 -8.35 -6.49 24.42
N VAL B 224 -8.56 -7.50 25.25
CA VAL B 224 -9.88 -8.08 25.39
C VAL B 224 -10.09 -8.52 26.81
N LYS B 225 -11.34 -8.74 27.19
CA LYS B 225 -11.68 -9.43 28.41
C LYS B 225 -12.30 -10.78 28.08
N ILE B 226 -12.05 -11.76 28.94
CA ILE B 226 -12.61 -13.10 28.78
C ILE B 226 -13.44 -13.46 30.02
N ARG B 227 -14.42 -14.33 29.82
CA ARG B 227 -15.27 -14.74 30.93
C ARG B 227 -14.66 -15.98 31.58
N ILE B 228 -14.51 -15.96 32.90
CA ILE B 228 -13.94 -17.11 33.59
C ILE B 228 -14.98 -17.88 34.41
N GLU B 229 -14.56 -18.91 35.14
CA GLU B 229 -15.53 -19.77 35.84
C GLU B 229 -16.25 -19.06 36.99
N THR B 230 -16.87 -17.94 36.66
CA THR B 230 -17.61 -17.11 37.60
C THR B 230 -18.77 -16.49 36.84
N GLY B 231 -18.46 -15.97 35.67
CA GLY B 231 -19.39 -15.19 34.89
C GLY B 231 -18.84 -13.79 34.69
N GLU B 232 -17.75 -13.50 35.41
CA GLU B 232 -17.08 -12.20 35.32
C GLU B 232 -16.25 -12.07 34.04
N TRP B 233 -16.08 -10.82 33.60
CA TRP B 233 -15.21 -10.54 32.46
C TRP B 233 -13.87 -9.98 32.93
N GLU B 234 -12.81 -10.69 32.57
CA GLU B 234 -11.49 -10.41 33.11
C GLU B 234 -10.59 -9.72 32.09
N LYS B 235 -10.11 -8.53 32.42
CA LYS B 235 -9.19 -7.79 31.56
C LYS B 235 -7.78 -8.36 31.69
N GLY B 236 -6.85 -7.88 30.88
CA GLY B 236 -5.46 -8.32 30.97
C GLY B 236 -5.09 -9.31 29.89
N TRP B 237 -5.86 -9.32 28.80
CA TRP B 237 -5.66 -10.32 27.76
C TRP B 237 -5.63 -9.69 26.37
N ASN B 238 -4.89 -10.33 25.45
CA ASN B 238 -4.85 -9.89 24.06
C ASN B 238 -5.07 -11.04 23.08
N VAL B 239 -5.73 -10.75 21.96
CA VAL B 239 -6.02 -11.77 20.95
C VAL B 239 -4.83 -11.98 20.02
N LEU B 240 -4.46 -13.24 19.80
CA LEU B 240 -3.43 -13.59 18.82
C LEU B 240 -4.06 -14.05 17.49
N VAL B 241 -4.94 -15.04 17.54
CA VAL B 241 -5.64 -15.51 16.33
C VAL B 241 -7.05 -15.98 16.65
N TRP B 242 -7.91 -15.98 15.65
CA TRP B 242 -9.20 -16.64 15.76
C TRP B 242 -9.19 -17.85 14.85
N GLY B 243 -9.86 -18.91 15.28
CA GLY B 243 -9.96 -20.10 14.48
C GLY B 243 -11.07 -20.99 14.99
N ARG B 244 -11.98 -21.36 14.09
CA ARG B 244 -13.02 -22.33 14.38
C ARG B 244 -13.85 -21.97 15.60
N GLY B 245 -14.07 -20.67 15.79
CA GLY B 245 -14.88 -20.22 16.90
C GLY B 245 -14.15 -20.22 18.25
N TYR B 246 -12.82 -20.18 18.21
CA TYR B 246 -12.05 -19.90 19.40
C TYR B 246 -11.13 -18.72 19.14
N ALA B 247 -10.87 -17.96 20.18
CA ALA B 247 -9.79 -16.99 20.16
C ALA B 247 -8.63 -17.52 20.99
N ALA B 248 -7.44 -17.52 20.41
CA ALA B 248 -6.22 -17.70 21.19
C ALA B 248 -5.91 -16.37 21.84
N VAL B 249 -5.65 -16.41 23.13
CA VAL B 249 -5.51 -15.17 23.86
C VAL B 249 -4.30 -15.22 24.82
N LYS B 250 -3.57 -14.12 24.90
CA LYS B 250 -2.32 -14.04 25.68
C LYS B 250 -2.42 -13.03 26.81
N ASN B 251 -2.17 -13.48 28.05
CA ASN B 251 -2.17 -12.61 29.21
C ASN B 251 -0.95 -11.71 29.12
N ARG B 252 -1.15 -10.40 29.17
CA ARG B 252 -0.03 -9.47 28.99
C ARG B 252 0.82 -9.26 30.24
N ASP B 253 0.47 -9.93 31.32
CA ASP B 253 1.32 -9.96 32.52
C ASP B 253 2.18 -11.22 32.60
N THR B 254 1.52 -12.36 32.37
CA THR B 254 2.10 -13.69 32.55
C THR B 254 2.57 -14.38 31.27
N ASP B 255 2.28 -13.77 30.11
CA ASP B 255 2.60 -14.33 28.79
C ASP B 255 1.96 -15.70 28.49
N LYS B 256 1.01 -16.10 29.33
CA LYS B 256 0.27 -17.35 29.13
C LYS B 256 -0.75 -17.26 28.00
N VAL B 257 -0.79 -18.27 27.15
CA VAL B 257 -1.74 -18.29 26.07
C VAL B 257 -2.74 -19.43 26.22
N ILE B 258 -4.01 -19.13 25.98
CA ILE B 258 -5.04 -20.13 26.09
C ILE B 258 -6.06 -20.01 24.96
N TRP B 259 -6.71 -21.12 24.63
CA TRP B 259 -7.84 -21.07 23.71
C TRP B 259 -9.13 -20.85 24.46
N VAL B 260 -9.89 -19.85 24.03
CA VAL B 260 -11.13 -19.51 24.69
C VAL B 260 -12.27 -19.44 23.67
N PRO B 261 -13.39 -20.12 23.97
CA PRO B 261 -14.58 -20.07 23.13
C PRO B 261 -14.91 -18.63 22.79
N SER B 262 -15.15 -18.36 21.51
CA SER B 262 -15.29 -16.99 21.01
C SER B 262 -16.35 -16.20 21.74
N ARG B 263 -17.41 -16.87 22.15
CA ARG B 263 -18.49 -16.20 22.85
C ARG B 263 -18.00 -15.62 24.17
N LYS B 264 -16.96 -16.23 24.76
CA LYS B 264 -16.45 -15.77 26.04
C LYS B 264 -15.40 -14.67 25.90
N VAL B 265 -15.30 -14.07 24.71
CA VAL B 265 -14.31 -13.02 24.47
C VAL B 265 -14.94 -11.73 23.99
N LYS B 266 -14.69 -10.62 24.69
CA LYS B 266 -15.21 -9.32 24.27
C LYS B 266 -14.08 -8.28 24.30
N PRO B 267 -14.15 -7.24 23.45
CA PRO B 267 -13.12 -6.21 23.46
C PRO B 267 -13.10 -5.40 24.75
N ASP B 268 -12.01 -4.70 25.01
CA ASP B 268 -11.78 -4.02 26.28
C ASP B 268 -11.95 -2.49 26.21
#